data_1OSW
#
_entry.id   1OSW
#
_entity_poly.entity_id   1
_entity_poly.type   'polyribonucleotide'
_entity_poly.pdbx_seq_one_letter_code
;GGAGGCGCUACGGCGAGGCUCCA
;
_entity_poly.pdbx_strand_id   A
#